data_2LUR
#
_entry.id   2LUR
#
_entity_poly.entity_id   1
_entity_poly.type   'polypeptide(L)'
_entity_poly.pdbx_seq_one_letter_code
;CGETCVGGTCNTPGCTCSWPVCGHFRWGV
;
_entity_poly.pdbx_strand_id   A
#
# COMPACT_ATOMS: atom_id res chain seq x y z
N CYS A 1 -4.57 -4.29 -0.82
CA CYS A 1 -5.32 -4.39 0.42
C CYS A 1 -6.50 -3.43 0.43
N GLY A 2 -6.36 -2.31 -0.28
CA GLY A 2 -7.42 -1.33 -0.34
C GLY A 2 -7.21 -0.18 0.64
N GLU A 3 -5.99 0.34 0.69
CA GLU A 3 -5.67 1.44 1.58
C GLU A 3 -4.76 2.45 0.90
N THR A 4 -4.35 3.48 1.65
CA THR A 4 -3.49 4.52 1.12
C THR A 4 -2.51 5.02 2.17
N CYS A 5 -1.22 4.96 1.86
CA CYS A 5 -0.19 5.41 2.79
C CYS A 5 0.38 6.75 2.35
N VAL A 6 -0.46 7.78 2.36
CA VAL A 6 -0.04 9.12 1.97
C VAL A 6 1.15 9.59 2.79
N GLY A 7 1.29 9.03 4.00
CA GLY A 7 2.39 9.39 4.86
C GLY A 7 3.67 8.65 4.53
N GLY A 8 3.53 7.54 3.80
CA GLY A 8 4.69 6.75 3.44
C GLY A 8 4.96 5.62 4.42
N THR A 9 3.90 5.08 5.01
CA THR A 9 4.03 4.00 5.98
C THR A 9 2.92 2.97 5.79
N CYS A 10 3.27 1.84 5.20
CA CYS A 10 2.31 0.76 4.98
C CYS A 10 3.00 -0.60 5.00
N ASN A 11 4.05 -0.71 5.79
CA ASN A 11 4.79 -1.96 5.91
C ASN A 11 4.02 -2.98 6.73
N THR A 12 3.12 -3.70 6.08
CA THR A 12 2.31 -4.70 6.75
C THR A 12 2.68 -6.12 6.29
N PRO A 13 2.36 -7.12 7.11
CA PRO A 13 2.65 -8.52 6.80
C PRO A 13 1.79 -9.06 5.66
N GLY A 14 2.27 -8.87 4.43
CA GLY A 14 1.53 -9.34 3.28
C GLY A 14 1.09 -8.21 2.37
N CYS A 15 1.47 -6.98 2.72
CA CYS A 15 1.10 -5.81 1.95
C CYS A 15 2.26 -4.81 1.88
N THR A 16 2.31 -4.04 0.80
CA THR A 16 3.37 -3.05 0.62
C THR A 16 2.78 -1.67 0.39
N CYS A 17 3.59 -0.63 0.62
CA CYS A 17 3.16 0.74 0.43
C CYS A 17 3.32 1.18 -1.03
N SER A 18 2.36 1.97 -1.51
CA SER A 18 2.38 2.45 -2.88
C SER A 18 1.90 3.90 -2.95
N TRP A 19 2.51 4.75 -2.15
CA TRP A 19 2.15 6.17 -2.12
C TRP A 19 1.79 6.66 -3.52
N PRO A 20 0.73 7.48 -3.61
CA PRO A 20 -0.05 7.90 -2.43
C PRO A 20 -0.87 6.75 -1.85
N VAL A 21 -1.39 5.89 -2.73
CA VAL A 21 -2.19 4.76 -2.29
C VAL A 21 -1.33 3.73 -1.56
N CYS A 22 -1.91 2.56 -1.29
CA CYS A 22 -1.20 1.49 -0.60
C CYS A 22 -1.72 0.13 -1.02
N GLY A 23 -0.81 -0.83 -1.16
CA GLY A 23 -1.19 -2.17 -1.57
C GLY A 23 -0.07 -2.92 -2.24
N HIS A 24 -0.15 -3.03 -3.57
CA HIS A 24 0.87 -3.72 -4.34
C HIS A 24 1.18 -2.98 -5.63
N PHE A 25 1.95 -3.62 -6.52
CA PHE A 25 2.31 -3.01 -7.79
C PHE A 25 1.56 -3.68 -8.94
N ARG A 26 1.20 -4.94 -8.76
CA ARG A 26 0.48 -5.69 -9.78
C ARG A 26 -1.02 -5.45 -9.67
N TRP A 27 -1.55 -5.57 -8.46
CA TRP A 27 -2.98 -5.37 -8.23
C TRP A 27 -3.26 -3.94 -7.76
N GLY A 28 -2.81 -3.64 -6.54
CA GLY A 28 -3.01 -2.31 -6.00
C GLY A 28 -4.07 -2.29 -4.91
N VAL A 29 -4.16 -3.38 -4.16
CA VAL A 29 -5.13 -3.49 -3.07
C VAL A 29 -4.59 -4.35 -1.92
N CYS A 1 -4.58 -4.26 -0.63
CA CYS A 1 -5.06 -3.89 0.69
C CYS A 1 -6.00 -2.69 0.62
N GLY A 2 -5.85 -1.90 -0.45
CA GLY A 2 -6.69 -0.73 -0.62
C GLY A 2 -6.55 0.26 0.51
N GLU A 3 -5.32 0.45 0.97
CA GLU A 3 -5.06 1.38 2.07
C GLU A 3 -4.33 2.62 1.57
N THR A 4 -4.01 3.54 2.49
CA THR A 4 -3.32 4.77 2.13
C THR A 4 -1.84 4.69 2.51
N CYS A 5 -1.00 5.28 1.67
CA CYS A 5 0.44 5.29 1.91
C CYS A 5 1.04 6.65 1.58
N VAL A 6 0.19 7.67 1.56
CA VAL A 6 0.64 9.03 1.26
C VAL A 6 1.84 9.42 2.13
N GLY A 7 1.78 9.03 3.41
CA GLY A 7 2.87 9.34 4.32
C GLY A 7 3.91 8.24 4.38
N GLY A 8 3.67 7.17 3.64
CA GLY A 8 4.61 6.06 3.64
C GLY A 8 4.72 5.39 5.00
N THR A 9 3.60 4.94 5.53
CA THR A 9 3.57 4.28 6.83
C THR A 9 2.45 3.26 6.91
N CYS A 10 2.29 2.47 5.86
CA CYS A 10 1.25 1.46 5.80
C CYS A 10 1.83 0.09 5.48
N ASN A 11 2.80 -0.35 6.29
CA ASN A 11 3.44 -1.64 6.09
C ASN A 11 2.70 -2.74 6.84
N THR A 12 2.24 -3.75 6.10
CA THR A 12 1.51 -4.87 6.70
C THR A 12 2.16 -6.19 6.34
N PRO A 13 1.88 -7.23 7.15
CA PRO A 13 2.42 -8.57 6.91
C PRO A 13 1.81 -9.25 5.69
N GLY A 14 2.45 -9.06 4.54
CA GLY A 14 1.96 -9.65 3.31
C GLY A 14 1.49 -8.60 2.32
N CYS A 15 1.62 -7.34 2.68
CA CYS A 15 1.19 -6.25 1.82
C CYS A 15 2.35 -5.28 1.54
N THR A 16 2.26 -4.53 0.45
CA THR A 16 3.29 -3.58 0.08
C THR A 16 2.75 -2.16 0.05
N CYS A 17 3.58 -1.22 -0.36
CA CYS A 17 3.18 0.19 -0.44
C CYS A 17 3.26 0.70 -1.88
N SER A 18 2.31 1.54 -2.26
CA SER A 18 2.27 2.09 -3.60
C SER A 18 1.86 3.57 -3.57
N TRP A 19 2.66 4.37 -2.88
CA TRP A 19 2.38 5.80 -2.76
C TRP A 19 1.84 6.36 -4.07
N PRO A 20 0.84 7.23 -3.98
CA PRO A 20 0.27 7.66 -2.69
C PRO A 20 -0.51 6.54 -2.01
N VAL A 21 -1.28 5.79 -2.80
CA VAL A 21 -2.07 4.70 -2.28
C VAL A 21 -1.19 3.64 -1.62
N CYS A 22 -1.81 2.56 -1.14
CA CYS A 22 -1.07 1.47 -0.50
C CYS A 22 -1.55 0.12 -1.02
N GLY A 23 -0.72 -0.90 -0.81
CA GLY A 23 -1.06 -2.24 -1.27
C GLY A 23 -0.01 -2.83 -2.17
N HIS A 24 -0.21 -2.71 -3.47
CA HIS A 24 0.74 -3.25 -4.45
C HIS A 24 0.75 -2.40 -5.72
N PHE A 25 1.56 -2.81 -6.69
CA PHE A 25 1.67 -2.09 -7.96
C PHE A 25 0.91 -2.82 -9.05
N ARG A 26 0.80 -4.14 -8.92
CA ARG A 26 0.10 -4.95 -9.91
C ARG A 26 -1.40 -4.94 -9.64
N TRP A 27 -1.80 -5.50 -8.51
CA TRP A 27 -3.21 -5.56 -8.14
C TRP A 27 -3.67 -4.25 -7.51
N GLY A 28 -3.16 -3.98 -6.30
CA GLY A 28 -3.52 -2.76 -5.60
C GLY A 28 -4.64 -2.98 -4.60
N VAL A 29 -4.53 -4.05 -3.82
CA VAL A 29 -5.54 -4.37 -2.82
C VAL A 29 -4.90 -4.76 -1.49
N CYS A 1 -5.22 -4.49 -0.77
CA CYS A 1 -5.26 -4.17 0.66
C CYS A 1 -6.25 -3.05 0.93
N GLY A 2 -6.37 -2.12 -0.02
CA GLY A 2 -7.29 -1.00 0.14
C GLY A 2 -6.94 -0.13 1.33
N GLU A 3 -5.82 0.57 1.24
CA GLU A 3 -5.38 1.45 2.33
C GLU A 3 -4.66 2.68 1.77
N THR A 4 -4.16 3.51 2.68
CA THR A 4 -3.45 4.73 2.28
C THR A 4 -1.98 4.64 2.65
N CYS A 5 -1.13 5.32 1.88
CA CYS A 5 0.30 5.32 2.13
C CYS A 5 0.93 6.65 1.67
N VAL A 6 0.14 7.71 1.71
CA VAL A 6 0.62 9.03 1.31
C VAL A 6 1.90 9.40 2.05
N GLY A 7 1.97 9.01 3.32
CA GLY A 7 3.15 9.31 4.12
C GLY A 7 4.27 8.32 3.90
N GLY A 8 3.96 7.23 3.22
CA GLY A 8 4.96 6.21 2.96
C GLY A 8 5.06 5.20 4.07
N THR A 9 4.14 5.27 5.02
CA THR A 9 4.12 4.35 6.15
C THR A 9 2.92 3.42 6.09
N CYS A 10 3.10 2.29 5.41
CA CYS A 10 2.03 1.30 5.28
C CYS A 10 2.60 -0.11 5.15
N ASN A 11 3.54 -0.45 6.04
CA ASN A 11 4.16 -1.76 6.02
C ASN A 11 3.38 -2.74 6.90
N THR A 12 2.78 -3.75 6.27
CA THR A 12 2.01 -4.75 6.99
C THR A 12 2.39 -6.16 6.55
N PRO A 13 2.09 -7.14 7.41
CA PRO A 13 2.40 -8.55 7.13
C PRO A 13 1.52 -9.12 6.03
N GLY A 14 1.97 -8.96 4.78
CA GLY A 14 1.21 -9.47 3.65
C GLY A 14 0.72 -8.37 2.74
N CYS A 15 1.10 -7.14 3.05
CA CYS A 15 0.69 -5.98 2.25
C CYS A 15 1.87 -5.05 2.01
N THR A 16 1.85 -4.37 0.87
CA THR A 16 2.92 -3.44 0.50
C THR A 16 2.39 -2.03 0.36
N CYS A 17 3.28 -1.09 0.04
CA CYS A 17 2.90 0.30 -0.12
C CYS A 17 2.82 0.68 -1.60
N SER A 18 1.87 1.55 -1.93
CA SER A 18 1.68 1.98 -3.31
C SER A 18 1.33 3.46 -3.36
N TRP A 19 2.14 4.28 -2.72
CA TRP A 19 1.92 5.72 -2.70
C TRP A 19 1.33 6.21 -4.02
N PRO A 20 0.36 7.13 -3.93
CA PRO A 20 -0.13 7.65 -2.66
C PRO A 20 -0.91 6.60 -1.86
N VAL A 21 -1.69 5.80 -2.56
CA VAL A 21 -2.49 4.76 -1.92
C VAL A 21 -1.59 3.67 -1.33
N CYS A 22 -2.21 2.58 -0.88
CA CYS A 22 -1.48 1.47 -0.28
C CYS A 22 -1.92 0.15 -0.89
N GLY A 23 -1.00 -0.83 -0.91
CA GLY A 23 -1.33 -2.13 -1.45
C GLY A 23 -0.13 -2.80 -2.10
N HIS A 24 -0.04 -2.68 -3.43
CA HIS A 24 1.07 -3.28 -4.17
C HIS A 24 1.41 -2.44 -5.40
N PHE A 25 2.26 -2.99 -6.27
CA PHE A 25 2.67 -2.29 -7.48
C PHE A 25 1.94 -2.85 -8.70
N ARG A 26 1.37 -4.04 -8.55
CA ARG A 26 0.65 -4.68 -9.65
C ARG A 26 -0.86 -4.50 -9.48
N TRP A 27 -1.41 -5.15 -8.46
CA TRP A 27 -2.84 -5.06 -8.18
C TRP A 27 -3.14 -3.93 -7.20
N GLY A 28 -2.73 -4.12 -5.96
CA GLY A 28 -2.97 -3.11 -4.94
C GLY A 28 -4.41 -3.11 -4.44
N VAL A 29 -4.74 -4.08 -3.59
CA VAL A 29 -6.08 -4.19 -3.04
C VAL A 29 -6.05 -4.73 -1.62
N CYS A 1 -4.98 -3.82 -1.07
CA CYS A 1 -5.38 -3.94 0.34
C CYS A 1 -6.53 -3.00 0.67
N GLY A 2 -6.60 -1.89 -0.08
CA GLY A 2 -7.67 -0.92 0.16
C GLY A 2 -7.27 0.13 1.18
N GLU A 3 -6.07 0.67 1.05
CA GLU A 3 -5.57 1.68 1.97
C GLU A 3 -4.71 2.70 1.25
N THR A 4 -4.20 3.67 2.00
CA THR A 4 -3.36 4.71 1.43
C THR A 4 -2.28 5.15 2.41
N CYS A 5 -1.07 5.37 1.91
CA CYS A 5 0.04 5.80 2.75
C CYS A 5 0.71 7.04 2.18
N VAL A 6 0.10 8.20 2.40
CA VAL A 6 0.64 9.46 1.91
C VAL A 6 2.01 9.75 2.51
N GLY A 7 2.33 9.05 3.60
CA GLY A 7 3.61 9.24 4.26
C GLY A 7 4.51 8.02 4.15
N GLY A 8 4.07 7.04 3.38
CA GLY A 8 4.85 5.83 3.21
C GLY A 8 4.99 5.04 4.49
N THR A 9 3.85 4.68 5.08
CA THR A 9 3.85 3.92 6.33
C THR A 9 2.63 3.00 6.40
N CYS A 10 2.67 1.92 5.63
CA CYS A 10 1.57 0.96 5.61
C CYS A 10 2.09 -0.44 5.31
N ASN A 11 3.35 -0.69 5.64
CA ASN A 11 3.96 -1.99 5.41
C ASN A 11 3.32 -3.06 6.28
N THR A 12 3.02 -4.21 5.68
CA THR A 12 2.39 -5.31 6.40
C THR A 12 2.85 -6.66 5.85
N PRO A 13 2.69 -7.72 6.66
CA PRO A 13 3.08 -9.07 6.26
C PRO A 13 2.17 -9.65 5.19
N GLY A 14 2.41 -9.25 3.94
CA GLY A 14 1.59 -9.74 2.84
C GLY A 14 1.10 -8.61 1.95
N CYS A 15 1.46 -7.38 2.30
CA CYS A 15 1.04 -6.22 1.51
C CYS A 15 2.18 -5.21 1.41
N THR A 16 2.04 -4.28 0.46
CA THR A 16 3.06 -3.26 0.24
C THR A 16 2.43 -1.88 0.11
N CYS A 17 3.27 -0.86 0.01
CA CYS A 17 2.79 0.51 -0.11
C CYS A 17 2.87 0.99 -1.56
N SER A 18 2.04 1.97 -1.91
CA SER A 18 2.02 2.51 -3.26
C SER A 18 1.61 3.98 -3.26
N TRP A 19 2.36 4.79 -2.53
CA TRP A 19 2.07 6.22 -2.43
C TRP A 19 1.57 6.76 -3.77
N PRO A 20 0.55 7.63 -3.71
CA PRO A 20 -0.06 8.05 -2.44
C PRO A 20 -0.85 6.93 -1.78
N VAL A 21 -1.55 6.14 -2.60
CA VAL A 21 -2.35 5.04 -2.08
C VAL A 21 -1.47 3.95 -1.48
N CYS A 22 -2.07 2.81 -1.18
CA CYS A 22 -1.33 1.68 -0.60
C CYS A 22 -1.95 0.36 -1.02
N GLY A 23 -1.14 -0.70 -1.00
CA GLY A 23 -1.63 -2.01 -1.37
C GLY A 23 -0.58 -2.84 -2.09
N HIS A 24 -0.55 -2.73 -3.42
CA HIS A 24 0.40 -3.47 -4.23
C HIS A 24 0.78 -2.70 -5.49
N PHE A 25 1.56 -3.32 -6.36
CA PHE A 25 1.98 -2.68 -7.59
C PHE A 25 1.31 -3.34 -8.80
N ARG A 26 0.92 -4.60 -8.64
CA ARG A 26 0.26 -5.34 -9.71
C ARG A 26 -1.25 -5.14 -9.68
N TRP A 27 -1.87 -5.66 -8.63
CA TRP A 27 -3.32 -5.54 -8.47
C TRP A 27 -3.70 -4.14 -8.00
N GLY A 28 -3.35 -3.82 -6.77
CA GLY A 28 -3.66 -2.51 -6.22
C GLY A 28 -4.78 -2.56 -5.21
N VAL A 29 -4.79 -3.60 -4.38
CA VAL A 29 -5.82 -3.76 -3.35
C VAL A 29 -5.23 -4.33 -2.07
N CYS A 1 -4.82 -3.77 -0.50
CA CYS A 1 -5.59 -4.12 0.68
C CYS A 1 -6.83 -3.25 0.82
N GLY A 2 -6.72 -2.00 0.35
CA GLY A 2 -7.84 -1.08 0.43
C GLY A 2 -7.54 0.12 1.32
N GLU A 3 -6.35 0.67 1.18
CA GLU A 3 -5.95 1.83 1.99
C GLU A 3 -4.99 2.72 1.21
N THR A 4 -4.45 3.73 1.88
CA THR A 4 -3.52 4.67 1.25
C THR A 4 -2.43 5.09 2.23
N CYS A 5 -1.19 4.99 1.79
CA CYS A 5 -0.04 5.37 2.63
C CYS A 5 0.62 6.64 2.09
N VAL A 6 -0.09 7.76 2.16
CA VAL A 6 0.42 9.03 1.69
C VAL A 6 1.74 9.36 2.37
N GLY A 7 1.93 8.85 3.58
CA GLY A 7 3.15 9.11 4.32
C GLY A 7 4.27 8.16 3.94
N GLY A 8 3.92 7.08 3.26
CA GLY A 8 4.92 6.10 2.84
C GLY A 8 5.13 5.02 3.89
N THR A 9 4.10 4.74 4.67
CA THR A 9 4.18 3.72 5.71
C THR A 9 3.02 2.74 5.61
N CYS A 10 3.27 1.59 4.99
CA CYS A 10 2.25 0.57 4.84
C CYS A 10 2.87 -0.83 4.80
N ASN A 11 4.08 -0.94 5.34
CA ASN A 11 4.79 -2.22 5.37
C ASN A 11 4.15 -3.16 6.38
N THR A 12 3.11 -3.87 5.95
CA THR A 12 2.41 -4.82 6.80
C THR A 12 2.67 -6.26 6.38
N PRO A 13 2.46 -7.20 7.31
CA PRO A 13 2.66 -8.63 7.05
C PRO A 13 1.62 -9.19 6.09
N GLY A 14 1.83 -8.97 4.80
CA GLY A 14 0.89 -9.48 3.81
C GLY A 14 0.43 -8.39 2.85
N CYS A 15 0.95 -7.18 3.03
CA CYS A 15 0.58 -6.06 2.18
C CYS A 15 1.77 -5.13 1.98
N THR A 16 1.74 -4.36 0.88
CA THR A 16 2.81 -3.43 0.57
C THR A 16 2.26 -2.02 0.35
N CYS A 17 3.16 -1.05 0.29
CA CYS A 17 2.77 0.35 0.09
C CYS A 17 2.81 0.70 -1.39
N SER A 18 1.91 1.59 -1.81
CA SER A 18 1.83 2.01 -3.20
C SER A 18 1.44 3.49 -3.30
N TRP A 19 2.20 4.34 -2.62
CA TRP A 19 1.93 5.77 -2.62
C TRP A 19 1.46 6.23 -4.00
N PRO A 20 0.45 7.11 -4.02
CA PRO A 20 -0.17 7.62 -2.79
C PRO A 20 -0.99 6.56 -2.07
N VAL A 21 -1.67 5.73 -2.84
CA VAL A 21 -2.50 4.66 -2.27
C VAL A 21 -1.63 3.63 -1.55
N CYS A 22 -2.25 2.52 -1.16
CA CYS A 22 -1.55 1.45 -0.47
C CYS A 22 -2.09 0.08 -0.87
N GLY A 23 -1.19 -0.89 -1.01
CA GLY A 23 -1.62 -2.22 -1.39
C GLY A 23 -0.51 -3.00 -2.09
N HIS A 24 -0.48 -2.90 -3.42
CA HIS A 24 0.53 -3.59 -4.21
C HIS A 24 0.87 -2.81 -5.47
N PHE A 25 1.81 -3.32 -6.25
CA PHE A 25 2.23 -2.65 -7.47
C PHE A 25 1.51 -3.24 -8.68
N ARG A 26 1.09 -4.49 -8.56
CA ARG A 26 0.38 -5.16 -9.65
C ARG A 26 -1.13 -4.88 -9.58
N TRP A 27 -1.74 -5.31 -8.49
CA TRP A 27 -3.18 -5.11 -8.29
C TRP A 27 -3.46 -3.72 -7.73
N GLY A 28 -3.06 -3.51 -6.48
CA GLY A 28 -3.28 -2.21 -5.84
C GLY A 28 -4.38 -2.27 -4.80
N VAL A 29 -4.30 -3.25 -3.91
CA VAL A 29 -5.30 -3.40 -2.85
C VAL A 29 -4.69 -4.06 -1.62
N CYS A 1 -5.00 -3.96 -0.89
CA CYS A 1 -5.59 -3.68 0.40
C CYS A 1 -6.53 -2.49 0.34
N GLY A 2 -6.22 -1.54 -0.55
CA GLY A 2 -7.06 -0.37 -0.69
C GLY A 2 -6.91 0.60 0.47
N GLU A 3 -5.71 0.63 1.06
CA GLU A 3 -5.45 1.51 2.19
C GLU A 3 -4.73 2.78 1.73
N THR A 4 -4.23 3.56 2.69
CA THR A 4 -3.53 4.80 2.38
C THR A 4 -2.04 4.67 2.69
N CYS A 5 -1.21 5.25 1.83
CA CYS A 5 0.23 5.20 2.00
C CYS A 5 0.88 6.51 1.56
N VAL A 6 0.15 7.61 1.71
CA VAL A 6 0.64 8.92 1.32
C VAL A 6 1.97 9.23 2.01
N GLY A 7 2.15 8.67 3.20
CA GLY A 7 3.38 8.89 3.94
C GLY A 7 4.41 7.81 3.70
N GLY A 8 4.04 6.79 2.93
CA GLY A 8 4.94 5.71 2.63
C GLY A 8 5.25 4.86 3.85
N THR A 9 4.21 4.38 4.51
CA THR A 9 4.37 3.55 5.70
C THR A 9 3.37 2.39 5.71
N CYS A 10 3.54 1.47 4.77
CA CYS A 10 2.65 0.32 4.66
C CYS A 10 3.43 -0.98 4.85
N ASN A 11 4.08 -1.11 6.01
CA ASN A 11 4.87 -2.31 6.31
C ASN A 11 4.00 -3.35 7.01
N THR A 12 3.01 -3.86 6.30
CA THR A 12 2.11 -4.86 6.86
C THR A 12 2.42 -6.25 6.29
N PRO A 13 2.16 -7.29 7.09
CA PRO A 13 2.41 -8.68 6.69
C PRO A 13 1.45 -9.16 5.61
N GLY A 14 1.86 -9.01 4.36
CA GLY A 14 1.02 -9.42 3.25
C GLY A 14 0.50 -8.26 2.45
N CYS A 15 0.93 -7.05 2.81
CA CYS A 15 0.49 -5.84 2.11
C CYS A 15 1.68 -4.95 1.80
N THR A 16 1.66 -4.33 0.62
CA THR A 16 2.74 -3.44 0.21
C THR A 16 2.26 -1.99 0.11
N CYS A 17 3.16 -1.10 -0.27
CA CYS A 17 2.83 0.31 -0.38
C CYS A 17 2.64 0.70 -1.86
N SER A 18 1.68 1.58 -2.11
CA SER A 18 1.40 2.04 -3.46
C SER A 18 1.08 3.52 -3.49
N TRP A 19 1.94 4.31 -2.85
CA TRP A 19 1.77 5.76 -2.80
C TRP A 19 1.18 6.29 -4.10
N PRO A 20 0.23 7.23 -3.98
CA PRO A 20 -0.23 7.74 -2.69
C PRO A 20 -1.02 6.70 -1.90
N VAL A 21 -1.80 5.90 -2.62
CA VAL A 21 -2.61 4.86 -2.00
C VAL A 21 -1.74 3.76 -1.40
N CYS A 22 -2.37 2.67 -0.98
CA CYS A 22 -1.66 1.54 -0.40
C CYS A 22 -2.13 0.23 -1.01
N GLY A 23 -1.27 -0.79 -0.93
CA GLY A 23 -1.61 -2.09 -1.49
C GLY A 23 -0.45 -2.74 -2.21
N HIS A 24 -0.48 -2.68 -3.54
CA HIS A 24 0.58 -3.27 -4.35
C HIS A 24 0.78 -2.47 -5.65
N PHE A 25 1.92 -2.68 -6.30
CA PHE A 25 2.23 -1.98 -7.54
C PHE A 25 1.62 -2.72 -8.74
N ARG A 26 1.41 -4.02 -8.58
CA ARG A 26 0.85 -4.84 -9.65
C ARG A 26 -0.67 -4.80 -9.61
N TRP A 27 -1.25 -5.29 -8.52
CA TRP A 27 -2.70 -5.32 -8.35
C TRP A 27 -3.21 -3.97 -7.86
N GLY A 28 -2.89 -3.64 -6.62
CA GLY A 28 -3.33 -2.38 -6.05
C GLY A 28 -4.52 -2.54 -5.13
N VAL A 29 -4.44 -3.49 -4.21
CA VAL A 29 -5.52 -3.75 -3.27
C VAL A 29 -4.98 -4.16 -1.91
N CYS A 1 -4.40 -4.34 -0.81
CA CYS A 1 -4.97 -4.38 0.54
C CYS A 1 -6.24 -3.53 0.62
N GLY A 2 -6.16 -2.32 0.08
CA GLY A 2 -7.29 -1.42 0.10
C GLY A 2 -7.09 -0.24 1.04
N GLU A 3 -5.87 0.28 1.06
CA GLU A 3 -5.56 1.42 1.92
C GLU A 3 -4.66 2.42 1.19
N THR A 4 -4.21 3.45 1.91
CA THR A 4 -3.37 4.48 1.33
C THR A 4 -2.33 4.97 2.34
N CYS A 5 -1.07 4.97 1.94
CA CYS A 5 0.01 5.41 2.81
C CYS A 5 0.56 6.76 2.35
N VAL A 6 -0.29 7.78 2.34
CA VAL A 6 0.11 9.11 1.92
C VAL A 6 1.35 9.58 2.67
N GLY A 7 1.51 9.07 3.90
CA GLY A 7 2.67 9.44 4.70
C GLY A 7 3.96 8.85 4.17
N GLY A 8 3.85 7.71 3.51
CA GLY A 8 5.04 7.05 2.97
C GLY A 8 5.46 5.85 3.79
N THR A 9 4.51 5.23 4.46
CA THR A 9 4.79 4.06 5.28
C THR A 9 3.60 3.11 5.34
N CYS A 10 3.80 1.88 4.87
CA CYS A 10 2.75 0.88 4.87
C CYS A 10 3.32 -0.52 5.00
N ASN A 11 3.89 -0.81 6.16
CA ASN A 11 4.49 -2.12 6.41
C ASN A 11 3.46 -3.07 7.02
N THR A 12 2.69 -3.72 6.15
CA THR A 12 1.67 -4.66 6.61
C THR A 12 2.07 -6.10 6.29
N PRO A 13 1.52 -7.05 7.07
CA PRO A 13 1.80 -8.48 6.89
C PRO A 13 1.20 -9.04 5.61
N GLY A 14 1.93 -8.93 4.51
CA GLY A 14 1.45 -9.43 3.24
C GLY A 14 1.10 -8.32 2.27
N CYS A 15 1.41 -7.08 2.65
CA CYS A 15 1.12 -5.93 1.82
C CYS A 15 2.27 -4.92 1.86
N THR A 16 2.34 -4.06 0.86
CA THR A 16 3.39 -3.05 0.78
C THR A 16 2.80 -1.66 0.56
N CYS A 17 3.67 -0.66 0.53
CA CYS A 17 3.23 0.72 0.33
C CYS A 17 3.29 1.10 -1.15
N SER A 18 2.34 1.91 -1.59
CA SER A 18 2.29 2.36 -2.98
C SER A 18 1.79 3.79 -3.07
N TRP A 19 2.44 4.69 -2.34
CA TRP A 19 2.07 6.09 -2.35
C TRP A 19 1.60 6.53 -3.74
N PRO A 20 0.53 7.34 -3.78
CA PRO A 20 -0.17 7.79 -2.58
C PRO A 20 -0.93 6.66 -1.89
N VAL A 21 -1.51 5.77 -2.70
CA VAL A 21 -2.27 4.64 -2.17
C VAL A 21 -1.36 3.66 -1.45
N CYS A 22 -1.89 2.49 -1.11
CA CYS A 22 -1.12 1.47 -0.43
C CYS A 22 -1.62 0.07 -0.80
N GLY A 23 -0.69 -0.86 -0.96
CA GLY A 23 -1.05 -2.22 -1.32
C GLY A 23 0.02 -2.91 -2.13
N HIS A 24 -0.19 -2.99 -3.45
CA HIS A 24 0.78 -3.64 -4.34
C HIS A 24 1.01 -2.79 -5.58
N PHE A 25 1.72 -3.36 -6.56
CA PHE A 25 2.01 -2.65 -7.79
C PHE A 25 1.17 -3.20 -8.94
N ARG A 26 0.86 -4.49 -8.88
CA ARG A 26 0.06 -5.14 -9.92
C ARG A 26 -1.42 -4.92 -9.67
N TRP A 27 -1.93 -5.45 -8.57
CA TRP A 27 -3.33 -5.30 -8.22
C TRP A 27 -3.60 -3.96 -7.56
N GLY A 28 -3.09 -3.79 -6.35
CA GLY A 28 -3.28 -2.53 -5.64
C GLY A 28 -4.32 -2.65 -4.54
N VAL A 29 -4.49 -3.86 -4.02
CA VAL A 29 -5.45 -4.10 -2.95
C VAL A 29 -4.86 -4.98 -1.86
N CYS A 1 -4.56 -5.22 -1.12
CA CYS A 1 -5.01 -5.03 0.26
C CYS A 1 -6.08 -3.94 0.34
N GLY A 2 -5.70 -2.72 -0.04
CA GLY A 2 -6.64 -1.62 0.00
C GLY A 2 -6.37 -0.66 1.14
N GLU A 3 -5.23 0.03 1.09
CA GLU A 3 -4.86 0.97 2.13
C GLU A 3 -4.19 2.20 1.54
N THR A 4 -3.92 3.19 2.39
CA THR A 4 -3.28 4.42 1.95
C THR A 4 -1.84 4.51 2.44
N CYS A 5 -0.95 5.01 1.59
CA CYS A 5 0.46 5.14 1.95
C CYS A 5 0.99 6.52 1.55
N VAL A 6 0.07 7.45 1.31
CA VAL A 6 0.45 8.81 0.93
C VAL A 6 1.51 9.36 1.87
N GLY A 7 1.27 9.25 3.17
CA GLY A 7 2.23 9.76 4.15
C GLY A 7 3.57 9.06 4.06
N GLY A 8 3.56 7.83 3.55
CA GLY A 8 4.80 7.08 3.42
C GLY A 8 5.02 6.13 4.58
N THR A 9 3.95 5.77 5.27
CA THR A 9 4.03 4.87 6.42
C THR A 9 2.76 4.04 6.56
N CYS A 10 2.75 2.86 5.94
CA CYS A 10 1.60 1.98 5.99
C CYS A 10 2.02 0.52 5.89
N ASN A 11 3.22 0.23 6.39
CA ASN A 11 3.75 -1.13 6.38
C ASN A 11 2.83 -2.08 7.12
N THR A 12 2.48 -3.19 6.47
CA THR A 12 1.59 -4.18 7.07
C THR A 12 2.05 -5.60 6.73
N PRO A 13 1.68 -6.56 7.58
CA PRO A 13 2.04 -7.97 7.38
C PRO A 13 1.30 -8.60 6.21
N GLY A 14 1.96 -8.63 5.05
CA GLY A 14 1.35 -9.21 3.87
C GLY A 14 1.02 -8.17 2.82
N CYS A 15 1.30 -6.90 3.14
CA CYS A 15 1.02 -5.81 2.22
C CYS A 15 2.26 -4.96 2.00
N THR A 16 2.43 -4.46 0.77
CA THR A 16 3.57 -3.63 0.43
C THR A 16 3.14 -2.22 0.07
N CYS A 17 3.85 -1.23 0.62
CA CYS A 17 3.54 0.17 0.36
C CYS A 17 3.65 0.48 -1.13
N SER A 18 2.67 1.23 -1.64
CA SER A 18 2.65 1.60 -3.05
C SER A 18 2.21 3.04 -3.23
N TRP A 19 2.89 3.96 -2.55
CA TRP A 19 2.56 5.37 -2.63
C TRP A 19 2.11 5.75 -4.04
N PRO A 20 1.07 6.59 -4.13
CA PRO A 20 0.38 7.13 -2.95
C PRO A 20 -0.41 6.07 -2.20
N VAL A 21 -1.07 5.19 -2.96
CA VAL A 21 -1.86 4.11 -2.37
C VAL A 21 -0.99 3.15 -1.57
N CYS A 22 -1.61 2.09 -1.06
CA CYS A 22 -0.88 1.09 -0.28
C CYS A 22 -1.37 -0.31 -0.62
N GLY A 23 -0.46 -1.28 -0.53
CA GLY A 23 -0.81 -2.66 -0.82
C GLY A 23 0.04 -3.26 -1.92
N HIS A 24 -0.24 -2.87 -3.17
CA HIS A 24 0.51 -3.38 -4.31
C HIS A 24 0.52 -2.37 -5.44
N PHE A 25 1.03 -2.78 -6.60
CA PHE A 25 1.09 -1.90 -7.77
C PHE A 25 0.25 -2.46 -8.91
N ARG A 26 0.18 -3.78 -9.00
CA ARG A 26 -0.58 -4.43 -10.06
C ARG A 26 -2.07 -4.48 -9.69
N TRP A 27 -2.37 -5.03 -8.53
CA TRP A 27 -3.75 -5.14 -8.06
C TRP A 27 -4.16 -3.88 -7.29
N GLY A 28 -3.56 -3.70 -6.11
CA GLY A 28 -3.88 -2.54 -5.29
C GLY A 28 -4.90 -2.85 -4.22
N VAL A 29 -5.07 -4.13 -3.92
CA VAL A 29 -6.03 -4.56 -2.90
C VAL A 29 -5.43 -5.66 -2.03
N CYS A 1 -5.02 -3.98 -1.09
CA CYS A 1 -5.27 -4.04 0.33
C CYS A 1 -6.44 -3.13 0.72
N GLY A 2 -6.60 -2.03 -0.04
CA GLY A 2 -7.67 -1.10 0.23
C GLY A 2 -7.27 -0.02 1.22
N GLU A 3 -6.07 0.53 1.04
CA GLU A 3 -5.57 1.57 1.92
C GLU A 3 -4.66 2.54 1.17
N THR A 4 -4.22 3.59 1.86
CA THR A 4 -3.34 4.58 1.25
C THR A 4 -2.31 5.09 2.25
N CYS A 5 -1.03 5.00 1.88
CA CYS A 5 0.05 5.44 2.75
C CYS A 5 0.61 6.77 2.26
N VAL A 6 -0.24 7.80 2.24
CA VAL A 6 0.18 9.12 1.80
C VAL A 6 1.39 9.61 2.58
N GLY A 7 1.55 9.10 3.80
CA GLY A 7 2.67 9.49 4.63
C GLY A 7 3.97 8.81 4.22
N GLY A 8 3.83 7.65 3.56
CA GLY A 8 5.00 6.91 3.14
C GLY A 8 5.34 5.77 4.07
N THR A 9 4.31 5.17 4.68
CA THR A 9 4.51 4.07 5.60
C THR A 9 3.34 3.09 5.54
N CYS A 10 3.60 1.89 5.03
CA CYS A 10 2.58 0.86 4.92
C CYS A 10 3.18 -0.53 5.03
N ASN A 11 4.31 -0.62 5.72
CA ASN A 11 5.00 -1.91 5.90
C ASN A 11 4.13 -2.87 6.70
N THR A 12 3.40 -3.72 6.00
CA THR A 12 2.53 -4.70 6.65
C THR A 12 2.72 -6.09 6.05
N PRO A 13 2.35 -7.13 6.82
CA PRO A 13 2.47 -8.52 6.37
C PRO A 13 1.49 -8.87 5.27
N GLY A 14 1.94 -8.76 4.02
CA GLY A 14 1.09 -9.06 2.89
C GLY A 14 0.63 -7.82 2.16
N CYS A 15 1.13 -6.66 2.58
CA CYS A 15 0.76 -5.39 1.97
C CYS A 15 2.01 -4.53 1.73
N THR A 16 2.10 -3.97 0.52
CA THR A 16 3.23 -3.12 0.17
C THR A 16 2.78 -1.70 -0.14
N CYS A 17 3.43 -0.73 0.51
CA CYS A 17 3.10 0.67 0.31
C CYS A 17 3.20 1.05 -1.17
N SER A 18 2.28 1.89 -1.62
CA SER A 18 2.26 2.33 -3.02
C SER A 18 1.80 3.78 -3.12
N TRP A 19 2.47 4.66 -2.37
CA TRP A 19 2.14 6.08 -2.38
C TRP A 19 1.70 6.53 -3.78
N PRO A 20 0.65 7.36 -3.83
CA PRO A 20 -0.05 7.84 -2.63
C PRO A 20 -0.85 6.72 -1.95
N VAL A 21 -1.45 5.86 -2.76
CA VAL A 21 -2.24 4.76 -2.24
C VAL A 21 -1.36 3.73 -1.53
N CYS A 22 -1.94 2.58 -1.22
CA CYS A 22 -1.21 1.52 -0.54
C CYS A 22 -1.77 0.14 -0.90
N GLY A 23 -0.89 -0.83 -1.08
CA GLY A 23 -1.34 -2.17 -1.42
C GLY A 23 -0.36 -2.88 -2.34
N HIS A 24 -0.58 -2.77 -3.64
CA HIS A 24 0.28 -3.41 -4.62
C HIS A 24 0.34 -2.59 -5.91
N PHE A 25 0.94 -3.17 -6.94
CA PHE A 25 1.06 -2.49 -8.23
C PHE A 25 0.28 -3.23 -9.32
N ARG A 26 0.32 -4.56 -9.26
CA ARG A 26 -0.38 -5.39 -10.23
C ARG A 26 -1.89 -5.36 -9.99
N TRP A 27 -2.29 -5.74 -8.77
CA TRP A 27 -3.70 -5.76 -8.42
C TRP A 27 -4.17 -4.39 -7.95
N GLY A 28 -3.69 -3.97 -6.77
CA GLY A 28 -4.06 -2.68 -6.24
C GLY A 28 -5.16 -2.79 -5.20
N VAL A 29 -5.05 -3.75 -4.30
CA VAL A 29 -6.04 -3.95 -3.25
C VAL A 29 -5.40 -4.53 -2.00
N CYS A 1 -4.84 -3.93 -0.74
CA CYS A 1 -5.30 -3.86 0.64
C CYS A 1 -6.49 -2.90 0.77
N GLY A 2 -6.54 -1.91 -0.11
CA GLY A 2 -7.62 -0.95 -0.07
C GLY A 2 -7.34 0.20 0.88
N GLU A 3 -6.07 0.53 1.04
CA GLU A 3 -5.67 1.62 1.93
C GLU A 3 -4.78 2.63 1.20
N THR A 4 -4.29 3.61 1.94
CA THR A 4 -3.44 4.65 1.36
C THR A 4 -2.37 5.09 2.36
N CYS A 5 -1.11 5.07 1.92
CA CYS A 5 0.00 5.48 2.76
C CYS A 5 0.57 6.82 2.30
N VAL A 6 -0.26 7.85 2.36
CA VAL A 6 0.17 9.20 1.96
C VAL A 6 1.43 9.62 2.68
N GLY A 7 1.63 9.07 3.88
CA GLY A 7 2.81 9.40 4.65
C GLY A 7 4.07 8.74 4.12
N GLY A 8 3.91 7.62 3.43
CA GLY A 8 5.04 6.91 2.87
C GLY A 8 5.45 5.72 3.71
N THR A 9 4.47 5.10 4.36
CA THR A 9 4.74 3.93 5.20
C THR A 9 3.55 2.99 5.23
N CYS A 10 3.73 1.79 4.69
CA CYS A 10 2.67 0.79 4.65
C CYS A 10 3.24 -0.62 4.68
N ASN A 11 4.13 -0.87 5.64
CA ASN A 11 4.76 -2.18 5.78
C ASN A 11 3.85 -3.14 6.52
N THR A 12 2.98 -3.83 5.79
CA THR A 12 2.05 -4.78 6.38
C THR A 12 2.37 -6.21 5.95
N PRO A 13 1.91 -7.19 6.75
CA PRO A 13 2.14 -8.60 6.47
C PRO A 13 1.35 -9.09 5.26
N GLY A 14 1.95 -8.99 4.09
CA GLY A 14 1.29 -9.42 2.87
C GLY A 14 0.86 -8.26 1.99
N CYS A 15 1.25 -7.06 2.39
CA CYS A 15 0.89 -5.85 1.64
C CYS A 15 2.06 -4.87 1.61
N THR A 16 2.09 -4.04 0.56
CA THR A 16 3.16 -3.06 0.41
C THR A 16 2.58 -1.65 0.24
N CYS A 17 3.46 -0.66 0.24
CA CYS A 17 3.04 0.73 0.08
C CYS A 17 3.08 1.15 -1.38
N SER A 18 2.13 2.01 -1.77
CA SER A 18 2.05 2.49 -3.14
C SER A 18 1.58 3.93 -3.19
N TRP A 19 2.29 4.80 -2.46
CA TRP A 19 1.95 6.21 -2.42
C TRP A 19 1.46 6.70 -3.78
N PRO A 20 0.41 7.54 -3.77
CA PRO A 20 -0.24 7.97 -2.53
C PRO A 20 -1.02 6.84 -1.86
N VAL A 21 -1.65 6.00 -2.68
CA VAL A 21 -2.42 4.87 -2.16
C VAL A 21 -1.51 3.84 -1.49
N CYS A 22 -2.08 2.68 -1.17
CA CYS A 22 -1.32 1.61 -0.52
C CYS A 22 -1.86 0.24 -0.93
N GLY A 23 -0.95 -0.71 -1.13
CA GLY A 23 -1.36 -2.04 -1.52
C GLY A 23 -0.30 -2.75 -2.35
N HIS A 24 -0.46 -2.71 -3.66
CA HIS A 24 0.50 -3.36 -4.57
C HIS A 24 0.59 -2.59 -5.88
N PHE A 25 1.26 -3.20 -6.86
CA PHE A 25 1.43 -2.58 -8.17
C PHE A 25 0.71 -3.38 -9.24
N ARG A 26 0.79 -4.70 -9.15
CA ARG A 26 0.14 -5.58 -10.11
C ARG A 26 -1.37 -5.59 -9.92
N TRP A 27 -1.80 -5.80 -8.68
CA TRP A 27 -3.23 -5.84 -8.36
C TRP A 27 -3.70 -4.47 -7.92
N GLY A 28 -3.26 -4.03 -6.74
CA GLY A 28 -3.67 -2.74 -6.22
C GLY A 28 -4.75 -2.84 -5.16
N VAL A 29 -4.52 -3.71 -4.18
CA VAL A 29 -5.48 -3.91 -3.10
C VAL A 29 -4.77 -4.11 -1.76
N CYS A 1 -5.49 -4.50 -0.51
CA CYS A 1 -5.72 -3.89 0.80
C CYS A 1 -6.66 -2.68 0.66
N GLY A 2 -6.45 -1.90 -0.39
CA GLY A 2 -7.27 -0.73 -0.62
C GLY A 2 -7.10 0.32 0.47
N GLU A 3 -5.85 0.57 0.85
CA GLU A 3 -5.56 1.55 1.89
C GLU A 3 -4.81 2.75 1.31
N THR A 4 -4.29 3.60 2.19
CA THR A 4 -3.57 4.79 1.77
C THR A 4 -2.40 5.08 2.70
N CYS A 5 -1.23 5.34 2.13
CA CYS A 5 -0.03 5.64 2.92
C CYS A 5 0.66 6.89 2.39
N VAL A 6 -0.04 8.01 2.45
CA VAL A 6 0.51 9.28 2.00
C VAL A 6 1.85 9.58 2.66
N GLY A 7 2.01 9.09 3.89
CA GLY A 7 3.25 9.32 4.62
C GLY A 7 4.35 8.36 4.20
N GLY A 8 3.96 7.26 3.55
CA GLY A 8 4.93 6.28 3.12
C GLY A 8 5.08 5.14 4.11
N THR A 9 4.13 5.01 5.02
CA THR A 9 4.17 3.96 6.03
C THR A 9 3.03 2.98 5.84
N CYS A 10 3.33 1.84 5.22
CA CYS A 10 2.33 0.81 4.98
C CYS A 10 2.97 -0.58 4.96
N ASN A 11 4.05 -0.73 5.72
CA ASN A 11 4.75 -2.01 5.79
C ASN A 11 3.99 -3.00 6.66
N THR A 12 3.07 -3.74 6.05
CA THR A 12 2.28 -4.72 6.77
C THR A 12 2.60 -6.14 6.30
N PRO A 13 2.36 -7.12 7.18
CA PRO A 13 2.62 -8.53 6.87
C PRO A 13 1.62 -9.09 5.85
N GLY A 14 1.93 -8.88 4.57
CA GLY A 14 1.06 -9.36 3.51
C GLY A 14 0.61 -8.26 2.58
N CYS A 15 1.08 -7.04 2.84
CA CYS A 15 0.72 -5.89 2.02
C CYS A 15 1.86 -4.88 1.95
N THR A 16 1.93 -4.13 0.86
CA THR A 16 2.97 -3.13 0.68
C THR A 16 2.37 -1.75 0.44
N CYS A 17 3.24 -0.74 0.38
CA CYS A 17 2.79 0.63 0.16
C CYS A 17 2.88 0.99 -1.32
N SER A 18 1.98 1.87 -1.76
CA SER A 18 1.94 2.30 -3.15
C SER A 18 1.54 3.76 -3.26
N TRP A 19 2.25 4.62 -2.54
CA TRP A 19 1.97 6.05 -2.56
C TRP A 19 1.46 6.49 -3.93
N PRO A 20 0.45 7.36 -3.94
CA PRO A 20 -0.18 7.87 -2.71
C PRO A 20 -0.97 6.79 -1.98
N VAL A 21 -1.69 5.97 -2.73
CA VAL A 21 -2.48 4.89 -2.16
C VAL A 21 -1.60 3.84 -1.52
N CYS A 22 -2.21 2.72 -1.12
CA CYS A 22 -1.48 1.63 -0.49
C CYS A 22 -1.97 0.28 -1.01
N GLY A 23 -1.05 -0.69 -1.07
CA GLY A 23 -1.41 -2.01 -1.54
C GLY A 23 -0.25 -2.73 -2.19
N HIS A 24 -0.17 -2.64 -3.52
CA HIS A 24 0.90 -3.28 -4.27
C HIS A 24 1.21 -2.52 -5.55
N PHE A 25 2.04 -3.11 -6.40
CA PHE A 25 2.42 -2.48 -7.67
C PHE A 25 1.66 -3.12 -8.83
N ARG A 26 1.19 -4.35 -8.62
CA ARG A 26 0.46 -5.07 -9.66
C ARG A 26 -1.05 -4.91 -9.46
N TRP A 27 -1.56 -5.48 -8.38
CA TRP A 27 -2.99 -5.41 -8.07
C TRP A 27 -3.28 -4.25 -7.11
N GLY A 28 -2.84 -4.40 -5.87
CA GLY A 28 -3.06 -3.37 -4.88
C GLY A 28 -4.49 -3.36 -4.35
N VAL A 29 -4.77 -4.28 -3.43
CA VAL A 29 -6.09 -4.39 -2.84
C VAL A 29 -6.02 -4.84 -1.39
N CYS A 1 -5.16 -4.43 -0.26
CA CYS A 1 -5.24 -3.85 1.07
C CYS A 1 -6.29 -2.73 1.11
N GLY A 2 -6.47 -2.06 -0.01
CA GLY A 2 -7.45 -0.98 -0.09
C GLY A 2 -7.14 0.13 0.89
N GLU A 3 -5.88 0.53 0.97
CA GLU A 3 -5.46 1.59 1.88
C GLU A 3 -4.61 2.63 1.15
N THR A 4 -4.12 3.61 1.90
CA THR A 4 -3.30 4.66 1.33
C THR A 4 -2.23 5.14 2.32
N CYS A 5 -1.02 5.34 1.82
CA CYS A 5 0.08 5.80 2.66
C CYS A 5 0.74 7.03 2.07
N VAL A 6 0.13 8.20 2.31
CA VAL A 6 0.66 9.45 1.80
C VAL A 6 2.04 9.74 2.37
N GLY A 7 2.38 9.06 3.48
CA GLY A 7 3.67 9.26 4.10
C GLY A 7 4.61 8.09 3.86
N GLY A 8 4.14 7.09 3.13
CA GLY A 8 4.95 5.92 2.84
C GLY A 8 5.10 5.00 4.05
N THR A 9 4.02 4.85 4.81
CA THR A 9 4.04 4.01 6.00
C THR A 9 2.98 2.90 5.89
N CYS A 10 3.35 1.81 5.23
CA CYS A 10 2.43 0.68 5.06
C CYS A 10 3.16 -0.64 5.30
N ASN A 11 3.55 -0.87 6.55
CA ASN A 11 4.26 -2.10 6.91
C ASN A 11 3.28 -3.18 7.35
N THR A 12 2.79 -3.96 6.39
CA THR A 12 1.83 -5.03 6.67
C THR A 12 2.38 -6.37 6.21
N PRO A 13 1.95 -7.44 6.90
CA PRO A 13 2.38 -8.81 6.58
C PRO A 13 1.79 -9.30 5.26
N GLY A 14 2.53 -9.09 4.17
CA GLY A 14 2.07 -9.52 2.86
C GLY A 14 1.53 -8.37 2.03
N CYS A 15 1.69 -7.15 2.54
CA CYS A 15 1.20 -5.96 1.84
C CYS A 15 2.32 -4.92 1.73
N THR A 16 2.29 -4.17 0.63
CA THR A 16 3.29 -3.13 0.40
C THR A 16 2.64 -1.76 0.25
N CYS A 17 3.47 -0.74 0.03
CA CYS A 17 2.97 0.62 -0.13
C CYS A 17 3.00 1.03 -1.59
N SER A 18 2.15 1.99 -1.95
CA SER A 18 2.07 2.48 -3.33
C SER A 18 1.64 3.94 -3.37
N TRP A 19 2.38 4.78 -2.65
CA TRP A 19 2.07 6.21 -2.60
C TRP A 19 1.55 6.70 -3.95
N PRO A 20 0.52 7.56 -3.91
CA PRO A 20 -0.09 8.00 -2.66
C PRO A 20 -0.87 6.89 -1.96
N VAL A 21 -1.53 6.06 -2.75
CA VAL A 21 -2.32 4.95 -2.21
C VAL A 21 -1.41 3.89 -1.59
N CYS A 22 -1.98 2.73 -1.28
CA CYS A 22 -1.23 1.65 -0.67
C CYS A 22 -1.73 0.29 -1.18
N GLY A 23 -0.96 -0.75 -0.91
CA GLY A 23 -1.34 -2.09 -1.35
C GLY A 23 -0.24 -2.78 -2.13
N HIS A 24 -0.37 -2.78 -3.45
CA HIS A 24 0.62 -3.42 -4.32
C HIS A 24 0.84 -2.59 -5.59
N PHE A 25 1.62 -3.14 -6.51
CA PHE A 25 1.91 -2.47 -7.76
C PHE A 25 1.09 -3.06 -8.91
N ARG A 26 0.64 -4.30 -8.73
CA ARG A 26 -0.15 -4.98 -9.74
C ARG A 26 -1.64 -4.89 -9.42
N TRP A 27 -2.05 -5.54 -8.33
CA TRP A 27 -3.44 -5.53 -7.91
C TRP A 27 -3.71 -4.41 -6.92
N GLY A 28 -3.16 -4.54 -5.72
CA GLY A 28 -3.34 -3.53 -4.69
C GLY A 28 -4.72 -3.61 -4.05
N VAL A 29 -4.89 -4.56 -3.14
CA VAL A 29 -6.17 -4.73 -2.46
C VAL A 29 -5.95 -4.97 -0.96
N CYS A 1 -4.92 -4.24 -1.05
CA CYS A 1 -5.22 -4.08 0.37
C CYS A 1 -6.35 -3.07 0.56
N GLY A 2 -6.34 -2.01 -0.24
CA GLY A 2 -7.36 -0.99 -0.13
C GLY A 2 -7.11 -0.02 1.00
N GLU A 3 -5.94 0.63 0.97
CA GLU A 3 -5.58 1.59 2.01
C GLU A 3 -4.84 2.77 1.41
N THR A 4 -4.26 3.61 2.27
CA THR A 4 -3.52 4.78 1.83
C THR A 4 -2.31 5.05 2.72
N CYS A 5 -1.17 5.30 2.10
CA CYS A 5 0.06 5.56 2.84
C CYS A 5 0.76 6.82 2.32
N VAL A 6 0.07 7.95 2.40
CA VAL A 6 0.61 9.21 1.94
C VAL A 6 1.97 9.49 2.57
N GLY A 7 2.16 9.00 3.80
CA GLY A 7 3.42 9.21 4.48
C GLY A 7 4.53 8.32 3.96
N GLY A 8 4.14 7.21 3.32
CA GLY A 8 5.12 6.29 2.77
C GLY A 8 5.38 5.12 3.70
N THR A 9 4.44 4.84 4.59
CA THR A 9 4.57 3.73 5.53
C THR A 9 3.37 2.80 5.45
N CYS A 10 3.57 1.65 4.81
CA CYS A 10 2.49 0.66 4.66
C CYS A 10 3.07 -0.75 4.60
N ASN A 11 4.16 -0.98 5.33
CA ASN A 11 4.79 -2.29 5.35
C ASN A 11 4.03 -3.25 6.26
N THR A 12 3.01 -3.91 5.71
CA THR A 12 2.22 -4.86 6.47
C THR A 12 2.49 -6.28 6.03
N PRO A 13 2.16 -7.25 6.90
CA PRO A 13 2.37 -8.67 6.62
C PRO A 13 1.40 -9.19 5.56
N GLY A 14 1.79 -9.03 4.30
CA GLY A 14 0.96 -9.49 3.20
C GLY A 14 0.49 -8.36 2.31
N CYS A 15 0.98 -7.15 2.59
CA CYS A 15 0.60 -5.97 1.81
C CYS A 15 1.79 -5.01 1.67
N THR A 16 1.75 -4.18 0.63
CA THR A 16 2.80 -3.22 0.39
C THR A 16 2.25 -1.82 0.17
N CYS A 17 3.13 -0.83 0.14
CA CYS A 17 2.72 0.56 -0.05
C CYS A 17 2.74 0.93 -1.52
N SER A 18 1.84 1.83 -1.92
CA SER A 18 1.75 2.28 -3.30
C SER A 18 1.36 3.74 -3.39
N TRP A 19 2.12 4.58 -2.68
CA TRP A 19 1.85 6.02 -2.68
C TRP A 19 1.31 6.49 -4.03
N PRO A 20 0.30 7.37 -3.99
CA PRO A 20 -0.26 7.88 -2.73
C PRO A 20 -1.04 6.80 -1.98
N VAL A 21 -1.79 5.99 -2.71
CA VAL A 21 -2.58 4.92 -2.11
C VAL A 21 -1.69 3.84 -1.52
N CYS A 22 -2.30 2.74 -1.11
CA CYS A 22 -1.56 1.63 -0.52
C CYS A 22 -2.12 0.29 -0.99
N GLY A 23 -1.25 -0.69 -1.17
CA GLY A 23 -1.67 -2.01 -1.62
C GLY A 23 -0.57 -2.76 -2.33
N HIS A 24 -0.56 -2.69 -3.65
CA HIS A 24 0.45 -3.38 -4.45
C HIS A 24 0.76 -2.61 -5.72
N PHE A 25 1.49 -3.24 -6.63
CA PHE A 25 1.85 -2.61 -7.90
C PHE A 25 1.03 -3.19 -9.05
N ARG A 26 0.61 -4.44 -8.90
CA ARG A 26 -0.17 -5.11 -9.93
C ARG A 26 -1.67 -5.02 -9.61
N TRP A 27 -2.06 -5.57 -8.47
CA TRP A 27 -3.46 -5.55 -8.06
C TRP A 27 -3.86 -4.16 -7.57
N GLY A 28 -3.32 -3.77 -6.42
CA GLY A 28 -3.63 -2.46 -5.86
C GLY A 28 -4.81 -2.51 -4.92
N VAL A 29 -4.90 -3.57 -4.13
CA VAL A 29 -5.99 -3.73 -3.17
C VAL A 29 -5.53 -4.51 -1.94
N CYS A 1 -5.09 -3.74 -0.56
CA CYS A 1 -5.27 -3.96 0.88
C CYS A 1 -6.39 -3.07 1.43
N GLY A 2 -6.54 -1.90 0.82
CA GLY A 2 -7.57 -0.98 1.27
C GLY A 2 -7.02 0.14 2.13
N GLU A 3 -5.82 0.61 1.78
CA GLU A 3 -5.18 1.68 2.53
C GLU A 3 -4.35 2.58 1.60
N THR A 4 -3.85 3.68 2.15
CA THR A 4 -3.05 4.62 1.38
C THR A 4 -1.81 5.04 2.16
N CYS A 5 -0.65 4.85 1.55
CA CYS A 5 0.62 5.22 2.17
C CYS A 5 1.01 6.65 1.82
N VAL A 6 0.08 7.58 2.04
CA VAL A 6 0.32 8.98 1.75
C VAL A 6 1.68 9.43 2.27
N GLY A 7 2.00 9.02 3.50
CA GLY A 7 3.26 9.38 4.10
C GLY A 7 4.23 8.22 4.18
N GLY A 8 3.96 7.19 3.37
CA GLY A 8 4.83 6.01 3.37
C GLY A 8 4.84 5.29 4.71
N THR A 9 3.64 4.94 5.20
CA THR A 9 3.52 4.24 6.47
C THR A 9 2.29 3.34 6.47
N CYS A 10 2.37 2.23 5.75
CA CYS A 10 1.26 1.29 5.67
C CYS A 10 1.77 -0.13 5.44
N ASN A 11 2.93 -0.44 6.02
CA ASN A 11 3.52 -1.76 5.89
C ASN A 11 2.76 -2.79 6.70
N THR A 12 2.29 -3.85 6.03
CA THR A 12 1.55 -4.91 6.69
C THR A 12 2.09 -6.29 6.32
N PRO A 13 1.80 -7.29 7.16
CA PRO A 13 2.25 -8.66 6.95
C PRO A 13 1.55 -9.32 5.76
N GLY A 14 2.05 -9.05 4.56
CA GLY A 14 1.47 -9.62 3.37
C GLY A 14 1.06 -8.57 2.36
N CYS A 15 1.34 -7.31 2.68
CA CYS A 15 1.00 -6.20 1.79
C CYS A 15 2.16 -5.22 1.67
N THR A 16 2.16 -4.44 0.60
CA THR A 16 3.21 -3.46 0.37
C THR A 16 2.64 -2.05 0.22
N CYS A 17 3.52 -1.08 0.04
CA CYS A 17 3.09 0.31 -0.12
C CYS A 17 3.09 0.71 -1.60
N SER A 18 2.21 1.65 -1.94
CA SER A 18 2.11 2.12 -3.33
C SER A 18 1.69 3.59 -3.36
N TRP A 19 2.47 4.44 -2.70
CA TRP A 19 2.18 5.87 -2.66
C TRP A 19 1.63 6.35 -4.00
N PRO A 20 0.62 7.23 -3.95
CA PRO A 20 0.05 7.70 -2.69
C PRO A 20 -0.72 6.60 -1.94
N VAL A 21 -1.46 5.81 -2.71
CA VAL A 21 -2.25 4.72 -2.13
C VAL A 21 -1.34 3.66 -1.51
N CYS A 22 -1.94 2.52 -1.14
CA CYS A 22 -1.20 1.43 -0.54
C CYS A 22 -1.68 0.08 -1.07
N GLY A 23 -0.80 -0.91 -1.04
CA GLY A 23 -1.16 -2.23 -1.53
C GLY A 23 -0.04 -2.89 -2.30
N HIS A 24 -0.12 -2.83 -3.62
CA HIS A 24 0.90 -3.44 -4.47
C HIS A 24 1.04 -2.67 -5.78
N PHE A 25 1.78 -3.24 -6.73
CA PHE A 25 1.99 -2.61 -8.02
C PHE A 25 1.11 -3.23 -9.09
N ARG A 26 0.65 -4.46 -8.83
CA ARG A 26 -0.20 -5.17 -9.77
C ARG A 26 -1.68 -4.94 -9.44
N TRP A 27 -2.16 -5.59 -8.39
CA TRP A 27 -3.54 -5.45 -7.97
C TRP A 27 -3.81 -4.06 -7.41
N GLY A 28 -3.23 -3.76 -6.26
CA GLY A 28 -3.43 -2.47 -5.64
C GLY A 28 -4.56 -2.45 -4.64
N VAL A 29 -4.70 -3.54 -3.89
CA VAL A 29 -5.76 -3.66 -2.90
C VAL A 29 -5.23 -4.23 -1.58
N CYS A 1 -5.07 -4.46 -1.04
CA CYS A 1 -5.20 -4.05 0.36
C CYS A 1 -6.25 -2.94 0.51
N GLY A 2 -6.29 -2.05 -0.47
CA GLY A 2 -7.24 -0.95 -0.43
C GLY A 2 -6.99 0.00 0.72
N GLU A 3 -5.80 0.59 0.74
CA GLU A 3 -5.43 1.52 1.80
C GLU A 3 -4.71 2.74 1.23
N THR A 4 -4.20 3.59 2.11
CA THR A 4 -3.49 4.79 1.70
C THR A 4 -2.32 5.09 2.63
N CYS A 5 -1.14 5.28 2.05
CA CYS A 5 0.05 5.58 2.83
C CYS A 5 0.71 6.88 2.36
N VAL A 6 -0.08 7.95 2.31
CA VAL A 6 0.42 9.25 1.88
C VAL A 6 1.67 9.65 2.66
N GLY A 7 1.73 9.23 3.92
CA GLY A 7 2.87 9.55 4.75
C GLY A 7 4.11 8.76 4.38
N GLY A 8 3.90 7.60 3.77
CA GLY A 8 5.02 6.77 3.36
C GLY A 8 5.29 5.64 4.33
N THR A 9 4.23 5.03 4.84
CA THR A 9 4.35 3.93 5.79
C THR A 9 3.21 2.94 5.64
N CYS A 10 3.49 1.81 5.01
CA CYS A 10 2.48 0.77 4.80
C CYS A 10 3.13 -0.61 4.76
N ASN A 11 4.19 -0.79 5.54
CA ASN A 11 4.89 -2.07 5.59
C ASN A 11 4.16 -3.06 6.48
N THR A 12 3.17 -3.74 5.92
CA THR A 12 2.39 -4.72 6.67
C THR A 12 2.68 -6.13 6.20
N PRO A 13 2.40 -7.12 7.06
CA PRO A 13 2.62 -8.54 6.75
C PRO A 13 1.67 -9.06 5.70
N GLY A 14 2.02 -8.86 4.42
CA GLY A 14 1.17 -9.32 3.34
C GLY A 14 0.69 -8.18 2.46
N CYS A 15 1.15 -6.97 2.75
CA CYS A 15 0.77 -5.80 1.98
C CYS A 15 1.94 -4.84 1.82
N THR A 16 1.94 -4.08 0.74
CA THR A 16 3.00 -3.12 0.46
C THR A 16 2.44 -1.72 0.23
N CYS A 17 3.31 -0.72 0.28
CA CYS A 17 2.90 0.66 0.08
C CYS A 17 2.97 1.03 -1.40
N SER A 18 2.07 1.91 -1.83
CA SER A 18 2.02 2.35 -3.21
C SER A 18 1.60 3.82 -3.31
N TRP A 19 2.33 4.68 -2.60
CA TRP A 19 2.04 6.11 -2.60
C TRP A 19 1.53 6.55 -3.97
N PRO A 20 0.51 7.41 -3.97
CA PRO A 20 -0.11 7.92 -2.74
C PRO A 20 -0.89 6.83 -2.00
N VAL A 21 -1.61 6.01 -2.77
CA VAL A 21 -2.41 4.93 -2.19
C VAL A 21 -1.51 3.87 -1.57
N CYS A 22 -2.11 2.74 -1.18
CA CYS A 22 -1.37 1.65 -0.57
C CYS A 22 -1.95 0.30 -0.99
N GLY A 23 -1.08 -0.67 -1.19
CA GLY A 23 -1.51 -2.01 -1.60
C GLY A 23 -0.42 -2.80 -2.27
N HIS A 24 -0.40 -2.77 -3.60
CA HIS A 24 0.61 -3.51 -4.35
C HIS A 24 0.94 -2.78 -5.66
N PHE A 25 1.71 -3.44 -6.51
CA PHE A 25 2.10 -2.85 -7.80
C PHE A 25 1.32 -3.49 -8.95
N ARG A 26 0.91 -4.75 -8.75
CA ARG A 26 0.16 -5.46 -9.76
C ARG A 26 -1.34 -5.24 -9.60
N TRP A 27 -1.90 -5.81 -8.53
CA TRP A 27 -3.33 -5.67 -8.26
C TRP A 27 -3.66 -4.26 -7.76
N GLY A 28 -3.19 -3.94 -6.56
CA GLY A 28 -3.44 -2.62 -6.00
C GLY A 28 -4.61 -2.63 -5.03
N VAL A 29 -4.73 -3.70 -4.24
CA VAL A 29 -5.81 -3.82 -3.27
C VAL A 29 -5.34 -4.55 -2.01
N CYS A 1 -4.53 -4.56 -0.29
CA CYS A 1 -5.23 -4.47 0.99
C CYS A 1 -6.42 -3.51 0.88
N GLY A 2 -6.26 -2.45 0.09
CA GLY A 2 -7.33 -1.48 -0.08
C GLY A 2 -7.16 -0.28 0.83
N GLU A 3 -5.95 0.26 0.89
CA GLU A 3 -5.66 1.43 1.72
C GLU A 3 -4.75 2.40 0.99
N THR A 4 -4.36 3.47 1.70
CA THR A 4 -3.49 4.48 1.13
C THR A 4 -2.51 5.02 2.16
N CYS A 5 -1.23 5.00 1.83
CA CYS A 5 -0.19 5.49 2.73
C CYS A 5 0.37 6.83 2.25
N VAL A 6 -0.49 7.84 2.24
CA VAL A 6 -0.08 9.18 1.82
C VAL A 6 1.13 9.67 2.60
N GLY A 7 1.29 9.15 3.81
CA GLY A 7 2.40 9.54 4.65
C GLY A 7 3.69 8.80 4.30
N GLY A 8 3.54 7.68 3.61
CA GLY A 8 4.70 6.89 3.22
C GLY A 8 5.01 5.80 4.22
N THR A 9 3.97 5.27 4.85
CA THR A 9 4.14 4.21 5.85
C THR A 9 3.03 3.17 5.73
N CYS A 10 3.37 2.01 5.18
CA CYS A 10 2.40 0.93 5.01
C CYS A 10 3.08 -0.43 5.08
N ASN A 11 4.21 -0.49 5.78
CA ASN A 11 4.96 -1.73 5.91
C ASN A 11 4.22 -2.73 6.80
N THR A 12 3.58 -3.70 6.16
CA THR A 12 2.82 -4.72 6.89
C THR A 12 3.14 -6.12 6.37
N PRO A 13 2.88 -7.13 7.21
CA PRO A 13 3.14 -8.54 6.84
C PRO A 13 2.17 -9.05 5.78
N GLY A 14 2.53 -8.86 4.52
CA GLY A 14 1.69 -9.31 3.43
C GLY A 14 1.19 -8.16 2.57
N CYS A 15 1.63 -6.95 2.90
CA CYS A 15 1.22 -5.76 2.15
C CYS A 15 2.35 -4.74 2.11
N THR A 16 2.44 -4.00 1.01
CA THR A 16 3.47 -2.99 0.84
C THR A 16 2.85 -1.62 0.57
N CYS A 17 3.66 -0.58 0.71
CA CYS A 17 3.20 0.79 0.48
C CYS A 17 3.34 1.17 -0.99
N SER A 18 2.38 1.94 -1.49
CA SER A 18 2.39 2.38 -2.88
C SER A 18 1.88 3.81 -2.99
N TRP A 19 2.48 4.72 -2.23
CA TRP A 19 2.08 6.12 -2.25
C TRP A 19 1.70 6.55 -3.66
N PRO A 20 0.63 7.35 -3.76
CA PRO A 20 -0.14 7.79 -2.59
C PRO A 20 -0.93 6.65 -1.95
N VAL A 21 -1.46 5.76 -2.80
CA VAL A 21 -2.23 4.62 -2.31
C VAL A 21 -1.35 3.64 -1.55
N CYS A 22 -1.90 2.48 -1.23
CA CYS A 22 -1.16 1.45 -0.50
C CYS A 22 -1.64 0.06 -0.89
N GLY A 23 -0.70 -0.88 -1.01
CA GLY A 23 -1.05 -2.24 -1.36
C GLY A 23 0.09 -2.96 -2.06
N HIS A 24 -0.02 -3.11 -3.38
CA HIS A 24 1.01 -3.79 -4.17
C HIS A 24 1.29 -3.03 -5.46
N PHE A 25 2.09 -3.63 -6.32
CA PHE A 25 2.45 -3.01 -7.60
C PHE A 25 1.70 -3.69 -8.75
N ARG A 26 1.34 -4.95 -8.55
CA ARG A 26 0.62 -5.71 -9.58
C ARG A 26 -0.86 -5.35 -9.58
N TRP A 27 -1.50 -5.53 -8.44
CA TRP A 27 -2.93 -5.23 -8.32
C TRP A 27 -3.14 -3.89 -7.61
N GLY A 28 -3.14 -3.93 -6.28
CA GLY A 28 -3.32 -2.71 -5.51
C GLY A 28 -4.42 -2.85 -4.47
N VAL A 29 -4.29 -3.86 -3.62
CA VAL A 29 -5.28 -4.11 -2.57
C VAL A 29 -4.63 -4.67 -1.31
N CYS A 1 -4.91 -3.89 -1.31
CA CYS A 1 -5.28 -3.90 0.10
C CYS A 1 -6.30 -2.80 0.40
N GLY A 2 -6.21 -1.69 -0.32
CA GLY A 2 -7.12 -0.58 -0.12
C GLY A 2 -6.75 0.25 1.09
N GLU A 3 -5.46 0.44 1.30
CA GLU A 3 -4.97 1.24 2.44
C GLU A 3 -4.31 2.52 1.96
N THR A 4 -3.81 3.30 2.90
CA THR A 4 -3.14 4.56 2.57
C THR A 4 -1.64 4.47 2.80
N CYS A 5 -0.88 5.25 2.04
CA CYS A 5 0.57 5.26 2.15
C CYS A 5 1.14 6.62 1.78
N VAL A 6 0.31 7.65 1.89
CA VAL A 6 0.73 9.01 1.57
C VAL A 6 2.02 9.37 2.29
N GLY A 7 2.13 8.94 3.55
CA GLY A 7 3.31 9.23 4.33
C GLY A 7 4.32 8.10 4.30
N GLY A 8 4.22 7.25 3.28
CA GLY A 8 5.13 6.13 3.15
C GLY A 8 5.11 5.22 4.36
N THR A 9 4.03 5.30 5.14
CA THR A 9 3.89 4.48 6.33
C THR A 9 2.74 3.47 6.17
N CYS A 10 3.02 2.38 5.48
CA CYS A 10 2.01 1.35 5.25
C CYS A 10 2.67 -0.02 5.12
N ASN A 11 3.37 -0.44 6.16
CA ASN A 11 4.05 -1.73 6.17
C ASN A 11 3.13 -2.82 6.73
N THR A 12 2.90 -3.86 5.93
CA THR A 12 2.05 -4.96 6.34
C THR A 12 2.53 -6.28 5.76
N PRO A 13 2.30 -7.38 6.49
CA PRO A 13 2.70 -8.72 6.07
C PRO A 13 1.89 -9.22 4.87
N GLY A 14 2.44 -9.05 3.67
CA GLY A 14 1.75 -9.49 2.47
C GLY A 14 1.19 -8.33 1.67
N CYS A 15 1.47 -7.11 2.11
CA CYS A 15 0.99 -5.92 1.43
C CYS A 15 2.14 -4.96 1.14
N THR A 16 2.07 -4.28 0.00
CA THR A 16 3.10 -3.33 -0.38
C THR A 16 2.57 -1.89 -0.37
N CYS A 17 3.44 -0.94 -0.67
CA CYS A 17 3.06 0.47 -0.69
C CYS A 17 2.87 0.95 -2.13
N SER A 18 1.88 1.83 -2.31
CA SER A 18 1.59 2.38 -3.63
C SER A 18 1.23 3.86 -3.55
N TRP A 19 2.08 4.63 -2.88
CA TRP A 19 1.85 6.05 -2.72
C TRP A 19 1.18 6.64 -3.96
N PRO A 20 0.22 7.54 -3.75
CA PRO A 20 -0.20 7.95 -2.39
C PRO A 20 -0.92 6.84 -1.65
N VAL A 21 -1.74 6.08 -2.38
CA VAL A 21 -2.49 4.98 -1.79
C VAL A 21 -1.57 3.85 -1.34
N CYS A 22 -2.15 2.72 -0.97
CA CYS A 22 -1.38 1.56 -0.52
C CYS A 22 -1.92 0.28 -1.16
N GLY A 23 -1.06 -0.74 -1.24
CA GLY A 23 -1.48 -2.00 -1.81
C GLY A 23 -0.36 -2.66 -2.61
N HIS A 24 -0.50 -2.64 -3.93
CA HIS A 24 0.50 -3.24 -4.81
C HIS A 24 0.59 -2.48 -6.12
N PHE A 25 1.34 -3.04 -7.08
CA PHE A 25 1.51 -2.41 -8.38
C PHE A 25 0.78 -3.20 -9.46
N ARG A 26 0.76 -4.51 -9.31
CA ARG A 26 0.10 -5.39 -10.27
C ARG A 26 -1.42 -5.31 -10.12
N TRP A 27 -1.90 -5.47 -8.90
CA TRP A 27 -3.33 -5.42 -8.63
C TRP A 27 -3.75 -4.01 -8.20
N GLY A 28 -3.32 -3.60 -7.02
CA GLY A 28 -3.66 -2.28 -6.53
C GLY A 28 -4.73 -2.33 -5.44
N VAL A 29 -4.65 -3.34 -4.59
CA VAL A 29 -5.61 -3.51 -3.50
C VAL A 29 -4.96 -4.15 -2.28
N CYS A 1 -4.35 -3.50 -0.72
CA CYS A 1 -5.06 -3.95 0.48
C CYS A 1 -6.35 -3.17 0.67
N GLY A 2 -6.35 -1.91 0.26
CA GLY A 2 -7.53 -1.08 0.40
C GLY A 2 -7.24 0.25 1.07
N GLU A 3 -6.14 0.29 1.82
CA GLU A 3 -5.74 1.51 2.52
C GLU A 3 -4.82 2.36 1.66
N THR A 4 -4.46 3.53 2.16
CA THR A 4 -3.58 4.45 1.44
C THR A 4 -2.20 4.53 2.11
N CYS A 5 -1.21 4.98 1.35
CA CYS A 5 0.15 5.10 1.87
C CYS A 5 0.69 6.51 1.63
N VAL A 6 -0.20 7.50 1.72
CA VAL A 6 0.19 8.90 1.52
C VAL A 6 1.46 9.23 2.30
N GLY A 7 1.44 8.97 3.61
CA GLY A 7 2.59 9.26 4.44
C GLY A 7 3.81 8.44 4.03
N GLY A 8 3.57 7.30 3.40
CA GLY A 8 4.66 6.45 2.97
C GLY A 8 5.02 5.40 4.01
N THR A 9 4.04 5.02 4.83
CA THR A 9 4.25 4.02 5.87
C THR A 9 2.99 3.22 6.13
N CYS A 10 2.90 2.04 5.52
CA CYS A 10 1.75 1.17 5.68
C CYS A 10 2.14 -0.29 5.55
N ASN A 11 3.42 -0.58 5.80
CA ASN A 11 3.92 -1.95 5.70
C ASN A 11 3.05 -2.90 6.53
N THR A 12 2.50 -3.91 5.85
CA THR A 12 1.67 -4.90 6.52
C THR A 12 2.05 -6.32 6.11
N PRO A 13 1.66 -7.29 6.95
CA PRO A 13 1.95 -8.71 6.69
C PRO A 13 1.16 -9.26 5.52
N GLY A 14 1.63 -8.99 4.31
CA GLY A 14 0.95 -9.47 3.12
C GLY A 14 0.64 -8.36 2.14
N CYS A 15 1.07 -7.14 2.48
CA CYS A 15 0.84 -5.99 1.61
C CYS A 15 2.01 -5.02 1.67
N THR A 16 2.15 -4.20 0.63
CA THR A 16 3.24 -3.23 0.56
C THR A 16 2.69 -1.82 0.33
N CYS A 17 3.60 -0.86 0.18
CA CYS A 17 3.22 0.52 -0.05
C CYS A 17 3.08 0.82 -1.54
N SER A 18 2.08 1.63 -1.89
CA SER A 18 1.84 1.98 -3.28
C SER A 18 1.44 3.45 -3.40
N TRP A 19 2.24 4.33 -2.81
CA TRP A 19 1.96 5.76 -2.86
C TRP A 19 1.32 6.15 -4.18
N PRO A 20 0.32 7.04 -4.13
CA PRO A 20 -0.16 7.61 -2.86
C PRO A 20 -0.88 6.59 -1.99
N VAL A 21 -1.68 5.73 -2.63
CA VAL A 21 -2.42 4.70 -1.92
C VAL A 21 -1.49 3.63 -1.37
N CYS A 22 -2.07 2.53 -0.90
CA CYS A 22 -1.29 1.43 -0.35
C CYS A 22 -1.73 0.10 -0.95
N GLY A 23 -0.78 -0.83 -1.06
CA GLY A 23 -1.09 -2.14 -1.61
C GLY A 23 0.09 -2.74 -2.36
N HIS A 24 -0.01 -2.80 -3.68
CA HIS A 24 1.06 -3.36 -4.50
C HIS A 24 1.21 -2.57 -5.80
N PHE A 25 2.01 -3.11 -6.72
CA PHE A 25 2.25 -2.46 -8.00
C PHE A 25 1.44 -3.13 -9.11
N ARG A 26 1.28 -4.44 -8.99
CA ARG A 26 0.53 -5.20 -9.98
C ARG A 26 -0.98 -5.03 -9.77
N TRP A 27 -1.44 -5.35 -8.57
CA TRP A 27 -2.85 -5.24 -8.24
C TRP A 27 -3.18 -3.83 -7.74
N GLY A 28 -2.67 -3.49 -6.56
CA GLY A 28 -2.93 -2.17 -6.00
C GLY A 28 -4.00 -2.19 -4.93
N VAL A 29 -3.94 -3.20 -4.05
CA VAL A 29 -4.92 -3.33 -2.98
C VAL A 29 -4.27 -3.88 -1.70
N CYS A 1 -4.07 -4.18 -0.75
CA CYS A 1 -4.85 -4.37 0.46
C CYS A 1 -6.13 -3.54 0.42
N GLY A 2 -6.00 -2.28 0.02
CA GLY A 2 -7.14 -1.39 -0.05
C GLY A 2 -7.00 -0.17 0.83
N GLU A 3 -5.75 0.19 1.12
CA GLU A 3 -5.47 1.34 1.96
C GLU A 3 -4.61 2.36 1.22
N THR A 4 -4.17 3.39 1.94
CA THR A 4 -3.34 4.43 1.35
C THR A 4 -2.29 4.94 2.33
N CYS A 5 -1.03 4.94 1.92
CA CYS A 5 0.05 5.39 2.78
C CYS A 5 0.60 6.74 2.28
N VAL A 6 -0.25 7.76 2.33
CA VAL A 6 0.14 9.09 1.89
C VAL A 6 1.39 9.57 2.63
N GLY A 7 1.59 9.04 3.83
CA GLY A 7 2.75 9.43 4.63
C GLY A 7 4.00 8.68 4.22
N GLY A 8 3.82 7.55 3.55
CA GLY A 8 4.96 6.75 3.11
C GLY A 8 5.27 5.63 4.07
N THR A 9 4.25 5.11 4.73
CA THR A 9 4.42 4.02 5.70
C THR A 9 3.29 3.01 5.58
N CYS A 10 3.60 1.84 5.02
CA CYS A 10 2.61 0.78 4.85
C CYS A 10 3.28 -0.59 4.89
N ASN A 11 4.28 -0.73 5.76
CA ASN A 11 4.99 -1.99 5.90
C ASN A 11 4.14 -3.03 6.63
N THR A 12 3.16 -3.59 5.93
CA THR A 12 2.27 -4.59 6.52
C THR A 12 2.42 -5.92 5.82
N PRO A 13 2.10 -7.02 6.53
CA PRO A 13 2.19 -8.37 6.00
C PRO A 13 1.13 -8.64 4.94
N GLY A 14 1.47 -8.38 3.68
CA GLY A 14 0.54 -8.60 2.59
C GLY A 14 0.08 -7.30 1.95
N CYS A 15 0.65 -6.19 2.38
CA CYS A 15 0.29 -4.89 1.85
C CYS A 15 1.53 -4.01 1.69
N THR A 16 1.99 -3.86 0.44
CA THR A 16 3.16 -3.05 0.15
C THR A 16 2.77 -1.61 -0.17
N CYS A 17 3.40 -0.67 0.54
CA CYS A 17 3.11 0.74 0.34
C CYS A 17 3.23 1.12 -1.15
N SER A 18 2.30 1.93 -1.62
CA SER A 18 2.29 2.36 -3.01
C SER A 18 1.81 3.80 -3.13
N TRP A 19 2.45 4.70 -2.38
CA TRP A 19 2.08 6.11 -2.41
C TRP A 19 1.62 6.53 -3.80
N PRO A 20 0.56 7.34 -3.85
CA PRO A 20 -0.14 7.82 -2.65
C PRO A 20 -0.91 6.70 -1.95
N VAL A 21 -1.53 5.84 -2.74
CA VAL A 21 -2.30 4.71 -2.19
C VAL A 21 -1.39 3.70 -1.53
N CYS A 22 -1.94 2.53 -1.22
CA CYS A 22 -1.17 1.46 -0.59
C CYS A 22 -1.74 0.09 -0.97
N GLY A 23 -0.84 -0.86 -1.22
CA GLY A 23 -1.27 -2.20 -1.58
C GLY A 23 -0.24 -2.91 -2.45
N HIS A 24 -0.44 -2.82 -3.77
CA HIS A 24 0.47 -3.46 -4.71
C HIS A 24 0.55 -2.67 -6.02
N PHE A 25 1.18 -3.25 -7.02
CA PHE A 25 1.32 -2.60 -8.31
C PHE A 25 0.54 -3.34 -9.40
N ARG A 26 0.53 -4.67 -9.31
CA ARG A 26 -0.19 -5.50 -10.26
C ARG A 26 -1.70 -5.44 -10.03
N TRP A 27 -2.10 -5.68 -8.79
CA TRP A 27 -3.51 -5.65 -8.42
C TRP A 27 -3.91 -4.27 -7.89
N GLY A 28 -3.42 -3.94 -6.71
CA GLY A 28 -3.73 -2.65 -6.11
C GLY A 28 -4.60 -2.79 -4.87
N VAL A 29 -4.34 -3.82 -4.09
CA VAL A 29 -5.10 -4.07 -2.86
C VAL A 29 -4.25 -4.77 -1.81
N CYS A 1 -4.94 -3.84 -0.74
CA CYS A 1 -5.29 -3.58 0.65
C CYS A 1 -6.48 -2.61 0.74
N GLY A 2 -6.61 -1.75 -0.26
CA GLY A 2 -7.69 -0.79 -0.27
C GLY A 2 -7.44 0.38 0.64
N GLU A 3 -6.17 0.61 0.97
CA GLU A 3 -5.79 1.72 1.85
C GLU A 3 -4.88 2.70 1.13
N THR A 4 -4.35 3.66 1.88
CA THR A 4 -3.47 4.67 1.31
C THR A 4 -2.39 5.08 2.30
N CYS A 5 -1.14 5.08 1.85
CA CYS A 5 -0.01 5.45 2.70
C CYS A 5 0.59 6.78 2.26
N VAL A 6 -0.23 7.83 2.27
CA VAL A 6 0.22 9.15 1.87
C VAL A 6 1.50 9.54 2.61
N GLY A 7 1.61 9.14 3.86
CA GLY A 7 2.78 9.46 4.65
C GLY A 7 4.02 8.75 4.15
N GLY A 8 3.83 7.58 3.56
CA GLY A 8 4.95 6.82 3.04
C GLY A 8 5.31 5.65 3.94
N THR A 9 4.30 5.01 4.51
CA THR A 9 4.53 3.87 5.40
C THR A 9 3.35 2.90 5.34
N CYS A 10 3.58 1.73 4.75
CA CYS A 10 2.54 0.71 4.63
C CYS A 10 3.14 -0.68 4.60
N ASN A 11 4.31 -0.83 5.23
CA ASN A 11 5.00 -2.11 5.29
C ASN A 11 4.27 -3.08 6.21
N THR A 12 3.21 -3.72 5.69
CA THR A 12 2.44 -4.67 6.47
C THR A 12 2.71 -6.10 6.03
N PRO A 13 2.42 -7.06 6.91
CA PRO A 13 2.63 -8.48 6.64
C PRO A 13 1.67 -9.02 5.59
N GLY A 14 2.03 -8.85 4.31
CA GLY A 14 1.19 -9.33 3.24
C GLY A 14 0.72 -8.21 2.33
N CYS A 15 1.20 -7.00 2.59
CA CYS A 15 0.83 -5.84 1.79
C CYS A 15 2.02 -4.88 1.64
N THR A 16 1.99 -4.10 0.57
CA THR A 16 3.06 -3.15 0.30
C THR A 16 2.51 -1.75 0.06
N CYS A 17 3.34 -0.73 0.27
CA CYS A 17 2.93 0.65 0.07
C CYS A 17 2.95 1.02 -1.40
N SER A 18 2.00 1.86 -1.81
CA SER A 18 1.90 2.29 -3.20
C SER A 18 1.48 3.76 -3.29
N TRP A 19 2.22 4.62 -2.59
CA TRP A 19 1.92 6.04 -2.59
C TRP A 19 1.44 6.51 -3.95
N PRO A 20 0.42 7.37 -3.97
CA PRO A 20 -0.23 7.86 -2.75
C PRO A 20 -1.02 6.78 -2.03
N VAL A 21 -1.68 5.93 -2.81
CA VAL A 21 -2.47 4.84 -2.25
C VAL A 21 -1.59 3.80 -1.57
N CYS A 22 -2.19 2.67 -1.22
CA CYS A 22 -1.46 1.59 -0.56
C CYS A 22 -2.04 0.23 -0.93
N GLY A 23 -1.16 -0.75 -1.12
CA GLY A 23 -1.61 -2.08 -1.48
C GLY A 23 -0.57 -2.85 -2.29
N HIS A 24 -0.67 -2.76 -3.60
CA HIS A 24 0.27 -3.45 -4.49
C HIS A 24 0.42 -2.69 -5.81
N PHE A 25 1.11 -3.30 -6.76
CA PHE A 25 1.34 -2.68 -8.07
C PHE A 25 0.60 -3.44 -9.16
N ARG A 26 0.57 -4.77 -9.05
CA ARG A 26 -0.09 -5.61 -10.03
C ARG A 26 -1.61 -5.56 -9.85
N TRP A 27 -2.06 -5.95 -8.66
CA TRP A 27 -3.48 -5.95 -8.35
C TRP A 27 -3.94 -4.58 -7.84
N GLY A 28 -3.49 -4.22 -6.65
CA GLY A 28 -3.87 -2.95 -6.07
C GLY A 28 -5.01 -3.06 -5.07
N VAL A 29 -4.80 -3.87 -4.04
CA VAL A 29 -5.82 -4.08 -3.02
C VAL A 29 -5.18 -4.32 -1.66
#